data_8Z35
#
_entry.id   8Z35
#
_cell.length_a   71.439
_cell.length_b   71.439
_cell.length_c   45.660
_cell.angle_alpha   90.00
_cell.angle_beta   90.00
_cell.angle_gamma   90.00
#
_symmetry.space_group_name_H-M   'P 41'
#
loop_
_entity.id
_entity.type
_entity.pdbx_description
1 polymer 'Egl nine homolog 1'
2 non-polymer 'FE (II) ION'
3 non-polymer 'SULFATE ION'
4 non-polymer 'CHLORIDE ION'
5 non-polymer '2-[[6-methyl-5-oxidanyl-2-[(4-phenylphenyl)methyl]pyrimidin-4-yl]carbonylamino]ethanoic acid'
6 water water
#
_entity_poly.entity_id   1
_entity_poly.type   'polypeptide(L)'
_entity_poly.pdbx_seq_one_letter_code
;MAHHHHHHLPALKLALEYIVPCMNKHGICVVDDFLGKETGQQIGDEVRALHDTGKFTDGQLVSQKSDSSKDIRGDKITWI
EGKEPGCETIGLLMSSMDDLIRHCNGKLGSYKINGRTKAMVACYPGNGTGYVRHVDNPNGDGRCVTCIYYLNKDWDAKVS
GGILRIFPEGKAQFADIEPKFDRLLFFWSDRRNPHEVQPAYATRYAITVWYFDADERARAKVKY
;
_entity_poly.pdbx_strand_id   A
#
# COMPACT_ATOMS: atom_id res chain seq x y z
N HIS A 3 -6.57 24.64 -1.42
CA HIS A 3 -6.54 25.67 -2.49
C HIS A 3 -7.57 25.32 -3.57
N HIS A 4 -8.50 26.26 -3.78
CA HIS A 4 -9.73 26.06 -4.53
C HIS A 4 -9.46 26.00 -6.04
N HIS A 5 -8.19 26.16 -6.43
CA HIS A 5 -7.82 26.10 -7.83
C HIS A 5 -7.58 24.66 -8.28
N HIS A 6 -7.53 23.74 -7.30
CA HIS A 6 -7.28 22.33 -7.56
C HIS A 6 -8.60 21.54 -7.50
N HIS A 7 -8.68 20.49 -8.32
CA HIS A 7 -9.88 19.67 -8.43
C HIS A 7 -9.48 18.21 -8.56
N HIS A 8 -10.25 17.33 -7.92
CA HIS A 8 -9.97 15.90 -7.95
C HIS A 8 -10.27 15.32 -9.33
N LEU A 9 -9.33 14.52 -9.83
CA LEU A 9 -9.57 13.65 -10.97
C LEU A 9 -10.55 12.57 -10.53
N PRO A 10 -11.66 12.32 -11.26
CA PRO A 10 -12.52 11.17 -10.99
C PRO A 10 -11.72 9.88 -11.10
N ALA A 11 -12.18 8.85 -10.39
CA ALA A 11 -11.53 7.55 -10.34
C ALA A 11 -11.27 7.00 -11.74
N LEU A 12 -12.26 7.11 -12.63
CA LEU A 12 -12.16 6.59 -13.99
C LEU A 12 -11.00 7.26 -14.73
N LYS A 13 -10.90 8.59 -14.57
CA LYS A 13 -9.92 9.39 -15.27
C LYS A 13 -8.52 9.05 -14.77
N LEU A 14 -8.38 8.97 -13.45
CA LEU A 14 -7.09 8.66 -12.85
C LEU A 14 -6.64 7.26 -13.26
N ALA A 15 -7.58 6.32 -13.26
CA ALA A 15 -7.29 4.93 -13.62
C ALA A 15 -6.78 4.85 -15.05
N LEU A 16 -7.52 5.44 -16.00
CA LEU A 16 -7.28 5.19 -17.41
C LEU A 16 -6.19 6.08 -17.96
N GLU A 17 -6.05 7.30 -17.42
CA GLU A 17 -5.09 8.25 -17.94
C GLU A 17 -3.74 8.09 -17.27
N TYR A 18 -3.68 7.36 -16.14
CA TYR A 18 -2.43 7.32 -15.39
C TYR A 18 -2.10 5.92 -14.86
N ILE A 19 -2.98 5.37 -14.01
CA ILE A 19 -2.65 4.14 -13.30
C ILE A 19 -2.42 3.01 -14.29
N VAL A 20 -3.36 2.80 -15.22
CA VAL A 20 -3.29 1.69 -16.17
C VAL A 20 -2.01 1.77 -17.01
N PRO A 21 -1.74 2.89 -17.73
CA PRO A 21 -0.51 2.99 -18.53
C PRO A 21 0.75 2.85 -17.66
N CYS A 22 0.75 3.52 -16.50
CA CYS A 22 1.89 3.53 -15.61
C CYS A 22 2.23 2.11 -15.14
N MET A 23 1.19 1.32 -14.83
CA MET A 23 1.36 -0.03 -14.31
C MET A 23 1.85 -0.97 -15.41
N ASN A 24 1.25 -0.86 -16.61
CA ASN A 24 1.59 -1.74 -17.71
C ASN A 24 3.02 -1.46 -18.21
N LYS A 25 3.50 -0.23 -18.01
CA LYS A 25 4.81 0.18 -18.50
C LYS A 25 5.89 -0.06 -17.45
N HIS A 26 5.60 0.29 -16.19
CA HIS A 26 6.63 0.37 -15.16
C HIS A 26 6.38 -0.62 -14.02
N GLY A 27 5.15 -1.10 -13.90
CA GLY A 27 4.79 -2.05 -12.86
C GLY A 27 4.70 -1.41 -11.48
N ILE A 28 4.81 -0.07 -11.45
CA ILE A 28 4.80 0.76 -10.25
C ILE A 28 4.07 2.05 -10.61
N CYS A 29 3.24 2.55 -9.69
CA CYS A 29 2.49 3.78 -9.91
C CYS A 29 2.27 4.52 -8.60
N VAL A 30 2.72 5.79 -8.56
CA VAL A 30 2.61 6.64 -7.39
C VAL A 30 1.53 7.69 -7.66
N VAL A 31 0.59 7.83 -6.72
CA VAL A 31 -0.47 8.82 -6.80
C VAL A 31 -0.46 9.65 -5.52
N ASP A 32 -0.09 10.93 -5.65
CA ASP A 32 -0.08 11.84 -4.51
C ASP A 32 -1.44 12.52 -4.38
N ASP A 33 -1.72 13.02 -3.16
CA ASP A 33 -2.89 13.80 -2.83
C ASP A 33 -4.18 13.01 -3.11
N PHE A 34 -4.19 11.75 -2.67
CA PHE A 34 -5.26 10.83 -3.03
C PHE A 34 -6.58 11.26 -2.40
N LEU A 35 -6.57 11.54 -1.09
CA LEU A 35 -7.80 11.73 -0.34
C LEU A 35 -7.96 13.17 0.14
N GLY A 36 -6.83 13.90 0.24
CA GLY A 36 -6.86 15.26 0.77
C GLY A 36 -6.49 15.30 2.24
N LYS A 37 -6.21 16.50 2.74
CA LYS A 37 -5.62 16.73 4.05
C LYS A 37 -6.55 16.28 5.17
N GLU A 38 -7.83 16.61 5.06
CA GLU A 38 -8.78 16.34 6.14
C GLU A 38 -8.94 14.83 6.34
N THR A 39 -9.26 14.12 5.24
CA THR A 39 -9.46 12.69 5.29
C THR A 39 -8.16 12.00 5.73
N GLY A 40 -7.04 12.48 5.21
CA GLY A 40 -5.73 11.93 5.51
C GLY A 40 -5.39 12.04 7.01
N GLN A 41 -5.74 13.19 7.60
CA GLN A 41 -5.48 13.44 9.01
C GLN A 41 -6.35 12.53 9.87
N GLN A 42 -7.61 12.35 9.46
CA GLN A 42 -8.56 11.51 10.15
C GLN A 42 -8.07 10.05 10.14
N ILE A 43 -7.50 9.63 9.01
CA ILE A 43 -6.89 8.31 8.88
C ILE A 43 -5.77 8.20 9.92
N GLY A 44 -4.89 9.21 9.94
CA GLY A 44 -3.78 9.28 10.89
C GLY A 44 -4.25 9.14 12.32
N ASP A 45 -5.36 9.80 12.65
CA ASP A 45 -5.96 9.76 13.98
C ASP A 45 -6.38 8.33 14.33
N GLU A 46 -7.07 7.68 13.38
CA GLU A 46 -7.60 6.34 13.59
C GLU A 46 -6.45 5.34 13.78
N VAL A 47 -5.39 5.52 13.00
CA VAL A 47 -4.25 4.60 13.02
C VAL A 47 -3.50 4.76 14.35
N ARG A 48 -3.36 6.01 14.81
CA ARG A 48 -2.69 6.30 16.07
C ARG A 48 -3.48 5.70 17.23
N ALA A 49 -4.82 5.75 17.13
CA ALA A 49 -5.71 5.17 18.14
C ALA A 49 -5.50 3.67 18.24
N LEU A 50 -5.44 3.00 17.08
CA LEU A 50 -5.19 1.57 17.01
C LEU A 50 -3.87 1.26 17.70
N HIS A 51 -2.85 2.09 17.42
CA HIS A 51 -1.53 1.93 18.01
C HIS A 51 -1.60 2.13 19.52
N ASP A 52 -2.28 3.21 19.95
CA ASP A 52 -2.33 3.60 21.35
C ASP A 52 -3.10 2.55 22.16
N THR A 53 -4.17 2.00 21.57
CA THR A 53 -5.04 1.08 22.28
C THR A 53 -4.55 -0.36 22.11
N GLY A 54 -3.35 -0.52 21.53
CA GLY A 54 -2.60 -1.76 21.54
C GLY A 54 -3.20 -2.88 20.71
N LYS A 55 -3.65 -2.56 19.49
CA LYS A 55 -4.30 -3.52 18.61
C LYS A 55 -3.29 -4.18 17.67
N PHE A 56 -2.03 -3.75 17.73
CA PHE A 56 -1.00 -4.22 16.81
C PHE A 56 -0.31 -5.48 17.35
N THR A 57 0.05 -6.37 16.42
CA THR A 57 0.83 -7.57 16.70
C THR A 57 2.21 -7.41 16.10
N ASP A 58 3.24 -7.85 16.86
CA ASP A 58 4.63 -7.72 16.45
C ASP A 58 4.87 -8.52 15.18
N GLY A 59 5.62 -7.90 14.24
CA GLY A 59 5.82 -8.44 12.91
C GLY A 59 6.66 -9.72 12.88
N GLN A 60 7.67 -9.79 13.75
CA GLN A 60 8.56 -10.94 13.79
C GLN A 60 7.87 -12.11 14.50
N LEU A 61 6.55 -11.98 14.68
CA LEU A 61 5.73 -13.03 15.25
C LEU A 61 4.84 -13.58 14.13
N VAL A 62 4.55 -12.75 13.13
CA VAL A 62 3.68 -13.12 12.03
C VAL A 62 4.48 -13.88 10.98
N SER A 63 5.79 -13.61 10.92
CA SER A 63 6.67 -14.21 9.93
C SER A 63 7.77 -15.02 10.64
N ASP A 71 16.37 -12.14 11.67
CA ASP A 71 14.94 -11.73 11.62
C ASP A 71 14.69 -10.92 10.34
N ILE A 72 13.42 -10.56 10.13
CA ILE A 72 12.95 -10.02 8.86
C ILE A 72 12.54 -8.56 9.05
N ARG A 73 12.03 -8.24 10.24
CA ARG A 73 11.19 -7.07 10.43
C ARG A 73 11.18 -6.64 11.90
N GLY A 74 11.00 -5.33 12.11
CA GLY A 74 10.78 -4.76 13.42
C GLY A 74 9.45 -4.01 13.48
N ASP A 75 8.61 -4.29 12.48
CA ASP A 75 7.30 -3.65 12.33
C ASP A 75 6.28 -4.37 13.21
N LYS A 76 5.07 -3.80 13.26
CA LYS A 76 3.93 -4.45 13.88
C LYS A 76 2.68 -4.09 13.08
N ILE A 77 1.72 -5.02 13.03
CA ILE A 77 0.60 -4.91 12.11
C ILE A 77 -0.74 -5.16 12.81
N THR A 78 -1.81 -4.73 12.14
CA THR A 78 -3.18 -5.06 12.49
C THR A 78 -4.04 -5.08 11.22
N TRP A 79 -4.94 -6.06 11.13
CA TRP A 79 -5.85 -6.22 10.00
C TRP A 79 -7.15 -5.48 10.26
N ILE A 80 -7.57 -4.67 9.28
CA ILE A 80 -8.78 -3.86 9.41
C ILE A 80 -9.73 -4.19 8.26
N GLU A 81 -10.97 -4.55 8.62
CA GLU A 81 -12.01 -4.90 7.66
C GLU A 81 -12.61 -3.62 7.07
N GLY A 82 -12.74 -2.58 7.90
CA GLY A 82 -13.16 -1.27 7.43
C GLY A 82 -14.42 -0.76 8.11
N LYS A 83 -15.18 -1.66 8.75
CA LYS A 83 -16.47 -1.31 9.33
C LYS A 83 -16.39 -1.24 10.86
N GLU A 84 -15.20 -1.53 11.41
CA GLU A 84 -15.02 -1.51 12.86
C GLU A 84 -15.26 -0.10 13.39
N PRO A 85 -15.84 0.05 14.61
CA PRO A 85 -15.95 1.36 15.25
C PRO A 85 -14.58 2.00 15.37
N GLY A 86 -14.47 3.25 14.91
CA GLY A 86 -13.23 4.01 14.99
C GLY A 86 -12.33 3.81 13.77
N CYS A 87 -12.80 3.06 12.77
CA CYS A 87 -12.01 2.71 11.60
C CYS A 87 -12.76 3.08 10.32
N GLU A 88 -13.75 3.97 10.45
CA GLU A 88 -14.65 4.33 9.36
C GLU A 88 -13.89 4.99 8.21
N THR A 89 -12.87 5.79 8.55
CA THR A 89 -12.13 6.53 7.53
C THR A 89 -11.19 5.58 6.79
N ILE A 90 -10.64 4.59 7.50
CA ILE A 90 -9.87 3.54 6.86
C ILE A 90 -10.79 2.80 5.89
N GLY A 91 -12.05 2.61 6.30
CA GLY A 91 -13.07 2.01 5.46
C GLY A 91 -13.27 2.76 4.14
N LEU A 92 -13.30 4.10 4.22
CA LEU A 92 -13.48 4.95 3.05
C LEU A 92 -12.25 4.88 2.14
N LEU A 93 -11.06 4.87 2.75
CA LEU A 93 -9.83 4.70 1.98
C LEU A 93 -9.91 3.42 1.16
N MET A 94 -10.36 2.34 1.82
CA MET A 94 -10.40 1.02 1.22
C MET A 94 -11.40 1.00 0.07
N SER A 95 -12.54 1.69 0.24
CA SER A 95 -13.54 1.76 -0.82
C SER A 95 -13.04 2.62 -1.98
N SER A 96 -12.20 3.63 -1.68
CA SER A 96 -11.65 4.51 -2.69
C SER A 96 -10.61 3.75 -3.54
N MET A 97 -9.82 2.91 -2.86
CA MET A 97 -8.87 2.02 -3.52
C MET A 97 -9.64 1.11 -4.48
N ASP A 98 -10.74 0.53 -3.99
CA ASP A 98 -11.58 -0.39 -4.75
C ASP A 98 -12.10 0.28 -6.03
N ASP A 99 -12.54 1.53 -5.90
CA ASP A 99 -13.10 2.30 -7.00
C ASP A 99 -12.08 2.42 -8.13
N LEU A 100 -10.83 2.79 -7.79
CA LEU A 100 -9.75 2.90 -8.76
C LEU A 100 -9.55 1.58 -9.49
N ILE A 101 -9.45 0.49 -8.71
CA ILE A 101 -9.18 -0.84 -9.26
C ILE A 101 -10.32 -1.26 -10.19
N ARG A 102 -11.57 -1.00 -9.78
CA ARG A 102 -12.74 -1.34 -10.59
C ARG A 102 -12.62 -0.71 -11.98
N HIS A 103 -12.14 0.54 -12.04
CA HIS A 103 -12.01 1.26 -13.30
C HIS A 103 -10.80 0.79 -14.10
N CYS A 104 -9.89 0.06 -13.45
CA CYS A 104 -8.72 -0.51 -14.10
C CYS A 104 -9.04 -1.89 -14.68
N ASN A 105 -9.78 -2.68 -13.90
CA ASN A 105 -9.94 -4.12 -14.13
C ASN A 105 -10.14 -4.42 -15.62
N GLY A 106 -9.37 -5.40 -16.10
CA GLY A 106 -9.39 -5.80 -17.50
C GLY A 106 -8.28 -5.13 -18.30
N LYS A 107 -7.59 -4.17 -17.69
CA LYS A 107 -6.56 -3.41 -18.38
C LYS A 107 -5.22 -3.52 -17.67
N LEU A 108 -5.23 -4.06 -16.44
CA LEU A 108 -4.01 -4.34 -15.70
C LEU A 108 -3.47 -5.71 -16.13
N GLY A 109 -2.59 -5.68 -17.14
CA GLY A 109 -2.08 -6.90 -17.76
C GLY A 109 -3.23 -7.78 -18.27
N SER A 110 -3.19 -9.05 -17.89
CA SER A 110 -4.23 -10.01 -18.27
C SER A 110 -5.00 -10.46 -17.03
N TYR A 111 -4.92 -9.65 -15.96
CA TYR A 111 -5.52 -10.00 -14.69
C TYR A 111 -7.03 -9.74 -14.73
N LYS A 112 -7.76 -10.52 -13.93
CA LYS A 112 -9.17 -10.28 -13.64
C LYS A 112 -9.33 -10.19 -12.12
N ILE A 113 -9.42 -8.96 -11.61
CA ILE A 113 -9.54 -8.69 -10.20
C ILE A 113 -10.97 -8.99 -9.76
N ASN A 114 -11.12 -9.82 -8.72
CA ASN A 114 -12.45 -10.21 -8.25
C ASN A 114 -12.56 -10.07 -6.73
N GLY A 115 -11.47 -9.68 -6.07
CA GLY A 115 -11.46 -9.52 -4.63
C GLY A 115 -10.14 -8.95 -4.12
N ARG A 116 -10.06 -8.79 -2.78
CA ARG A 116 -8.85 -8.30 -2.13
C ARG A 116 -8.80 -8.81 -0.69
N THR A 117 -7.67 -8.54 -0.04
CA THR A 117 -7.49 -8.79 1.39
C THR A 117 -8.19 -7.69 2.17
N LYS A 118 -8.25 -7.86 3.50
CA LYS A 118 -8.50 -6.73 4.38
C LYS A 118 -7.28 -5.81 4.34
N ALA A 119 -7.35 -4.69 5.05
CA ALA A 119 -6.25 -3.75 5.09
C ALA A 119 -5.26 -4.15 6.19
N MET A 120 -3.98 -4.24 5.82
CA MET A 120 -2.92 -4.44 6.80
C MET A 120 -2.34 -3.07 7.15
N VAL A 121 -2.64 -2.62 8.37
CA VAL A 121 -2.08 -1.40 8.91
C VAL A 121 -0.72 -1.76 9.52
N ALA A 122 0.34 -1.09 9.05
CA ALA A 122 1.69 -1.40 9.52
C ALA A 122 2.28 -0.20 10.23
N CYS A 123 3.01 -0.48 11.32
CA CYS A 123 3.72 0.53 12.09
C CYS A 123 5.18 0.12 12.25
N TYR A 124 6.08 0.99 11.79
CA TYR A 124 7.50 0.88 12.10
C TYR A 124 7.82 1.90 13.18
N PRO A 125 8.09 1.46 14.43
CA PRO A 125 8.10 2.36 15.59
C PRO A 125 9.34 3.24 15.67
N GLY A 126 9.94 3.54 14.52
CA GLY A 126 11.21 4.23 14.46
C GLY A 126 12.32 3.36 15.06
N ASN A 127 13.40 4.02 15.52
CA ASN A 127 14.49 3.35 16.19
C ASN A 127 15.15 2.33 15.25
N GLY A 128 15.23 2.68 13.97
CA GLY A 128 16.03 1.94 13.01
C GLY A 128 15.31 0.75 12.39
N THR A 129 14.02 0.58 12.71
CA THR A 129 13.25 -0.56 12.24
C THR A 129 12.93 -0.40 10.75
N GLY A 130 13.03 -1.52 10.03
CA GLY A 130 12.73 -1.57 8.60
C GLY A 130 12.24 -2.96 8.20
N TYR A 131 12.39 -3.27 6.91
CA TYR A 131 11.98 -4.56 6.37
C TYR A 131 12.94 -4.94 5.23
N VAL A 132 13.54 -6.13 5.34
CA VAL A 132 14.54 -6.60 4.38
C VAL A 132 13.88 -6.83 3.03
N ARG A 133 14.71 -6.86 1.99
CA ARG A 133 14.29 -7.12 0.62
C ARG A 133 13.44 -8.39 0.59
N HIS A 134 12.26 -8.30 -0.04
CA HIS A 134 11.33 -9.40 -0.13
C HIS A 134 10.38 -9.21 -1.32
N VAL A 135 9.71 -10.30 -1.70
CA VAL A 135 8.60 -10.27 -2.64
C VAL A 135 7.32 -10.59 -1.87
N ASP A 136 6.26 -9.79 -2.12
CA ASP A 136 4.98 -9.95 -1.44
C ASP A 136 4.38 -11.32 -1.73
N ASN A 137 4.28 -11.66 -3.03
CA ASN A 137 3.68 -12.90 -3.46
C ASN A 137 4.68 -13.66 -4.34
N PRO A 138 5.61 -14.45 -3.74
CA PRO A 138 6.54 -15.26 -4.52
C PRO A 138 6.04 -16.65 -4.95
N ASN A 139 4.96 -17.12 -4.31
CA ASN A 139 4.53 -18.50 -4.47
C ASN A 139 3.16 -18.60 -5.14
N GLY A 140 2.76 -17.52 -5.84
CA GLY A 140 1.53 -17.48 -6.62
C GLY A 140 0.27 -17.79 -5.79
N ASP A 141 0.02 -16.96 -4.77
CA ASP A 141 -1.10 -17.20 -3.86
C ASP A 141 -2.34 -16.43 -4.32
N GLY A 142 -2.25 -15.74 -5.46
CA GLY A 142 -3.41 -15.08 -6.05
C GLY A 142 -3.31 -13.55 -6.06
N ARG A 143 -2.47 -13.00 -5.18
CA ARG A 143 -2.33 -11.55 -5.02
C ARG A 143 -1.50 -11.00 -6.17
N CYS A 144 -2.09 -10.08 -6.95
CA CYS A 144 -1.43 -9.58 -8.15
C CYS A 144 -1.01 -8.11 -8.01
N VAL A 145 -1.79 -7.31 -7.26
CA VAL A 145 -1.47 -5.89 -7.10
C VAL A 145 -1.42 -5.53 -5.62
N THR A 146 -0.31 -4.92 -5.20
CA THR A 146 -0.15 -4.34 -3.88
C THR A 146 -0.54 -2.87 -3.94
N CYS A 147 -1.39 -2.44 -3.00
CA CYS A 147 -1.82 -1.06 -2.93
C CYS A 147 -1.56 -0.54 -1.50
N ILE A 148 -0.69 0.48 -1.40
CA ILE A 148 -0.27 1.03 -0.11
C ILE A 148 -0.64 2.50 -0.03
N TYR A 149 -1.17 2.91 1.12
CA TYR A 149 -1.47 4.30 1.43
C TYR A 149 -0.63 4.75 2.62
N TYR A 150 0.02 5.90 2.48
CA TYR A 150 0.87 6.45 3.54
C TYR A 150 0.17 7.65 4.18
N LEU A 151 0.41 7.84 5.48
CA LEU A 151 -0.29 8.89 6.21
C LEU A 151 0.62 9.59 7.23
N ASN A 152 1.89 9.78 6.84
CA ASN A 152 2.89 10.36 7.73
C ASN A 152 3.02 11.86 7.45
N LYS A 153 2.42 12.68 8.32
CA LYS A 153 2.44 14.12 8.20
C LYS A 153 3.88 14.64 8.23
N ASP A 154 4.22 15.45 7.22
CA ASP A 154 5.49 16.14 7.11
C ASP A 154 6.66 15.17 7.31
N TRP A 155 6.62 14.06 6.57
CA TRP A 155 7.72 13.11 6.60
C TRP A 155 8.91 13.68 5.84
N ASP A 156 10.10 13.58 6.46
CA ASP A 156 11.33 13.99 5.83
C ASP A 156 12.33 12.83 5.89
N ALA A 157 12.53 12.18 4.73
CA ALA A 157 13.31 10.96 4.63
C ALA A 157 14.81 11.23 4.85
N LYS A 158 15.21 12.49 4.63
CA LYS A 158 16.57 12.92 4.87
C LYS A 158 16.95 12.69 6.33
N VAL A 159 15.96 12.84 7.22
CA VAL A 159 16.16 12.77 8.66
C VAL A 159 15.60 11.47 9.21
N SER A 160 14.42 11.06 8.70
CA SER A 160 13.66 9.97 9.31
C SER A 160 13.84 8.67 8.54
N GLY A 161 14.34 8.77 7.30
CA GLY A 161 14.53 7.60 6.43
C GLY A 161 13.20 6.98 6.03
N GLY A 162 13.12 5.65 6.11
CA GLY A 162 11.88 4.91 5.94
C GLY A 162 11.44 4.84 4.48
N ILE A 163 12.38 5.03 3.56
CA ILE A 163 12.08 4.97 2.13
C ILE A 163 11.75 3.53 1.75
N LEU A 164 10.67 3.36 0.97
CA LEU A 164 10.44 2.10 0.28
C LEU A 164 11.23 2.13 -1.02
N ARG A 165 12.19 1.20 -1.13
CA ARG A 165 12.97 1.06 -2.34
C ARG A 165 12.49 -0.18 -3.09
N ILE A 166 12.11 0.01 -4.35
CA ILE A 166 11.63 -1.08 -5.18
C ILE A 166 12.64 -1.31 -6.29
N PHE A 167 13.01 -2.59 -6.49
CA PHE A 167 13.94 -2.97 -7.53
C PHE A 167 13.21 -3.81 -8.57
N PRO A 168 12.50 -3.19 -9.55
CA PRO A 168 11.78 -3.95 -10.57
C PRO A 168 12.71 -4.89 -11.31
N GLU A 169 12.25 -6.14 -11.49
CA GLU A 169 13.05 -7.23 -12.04
C GLU A 169 13.45 -6.88 -13.47
N GLY A 170 14.77 -6.94 -13.73
CA GLY A 170 15.32 -6.82 -15.06
C GLY A 170 15.17 -5.41 -15.63
N LYS A 171 15.18 -4.41 -14.74
CA LYS A 171 15.17 -3.01 -15.17
C LYS A 171 16.45 -2.33 -14.70
N ALA A 172 16.92 -1.35 -15.48
CA ALA A 172 18.15 -0.63 -15.20
C ALA A 172 17.91 0.50 -14.20
N GLN A 173 16.69 0.54 -13.63
CA GLN A 173 16.32 1.57 -12.68
C GLN A 173 15.67 0.94 -11.44
N PHE A 174 15.75 1.67 -10.32
CA PHE A 174 15.00 1.33 -9.12
C PHE A 174 14.21 2.57 -8.69
N ALA A 175 13.22 2.37 -7.81
CA ALA A 175 12.33 3.43 -7.39
C ALA A 175 12.45 3.66 -5.89
N ASP A 176 12.61 4.93 -5.49
CA ASP A 176 12.60 5.33 -4.10
C ASP A 176 11.28 6.03 -3.79
N ILE A 177 10.46 5.40 -2.92
CA ILE A 177 9.18 5.98 -2.56
C ILE A 177 9.24 6.43 -1.10
N GLU A 178 9.15 7.75 -0.90
CA GLU A 178 9.04 8.29 0.45
C GLU A 178 7.63 8.02 0.96
N PRO A 179 7.47 7.65 2.26
CA PRO A 179 6.15 7.34 2.82
C PRO A 179 5.37 8.61 3.15
N LYS A 180 5.13 9.44 2.13
CA LYS A 180 4.60 10.78 2.25
C LYS A 180 3.10 10.75 2.61
N PHE A 181 2.69 11.75 3.40
CA PHE A 181 1.29 11.96 3.75
C PHE A 181 0.43 11.93 2.49
N ASP A 182 -0.63 11.12 2.53
CA ASP A 182 -1.70 11.09 1.53
C ASP A 182 -1.21 10.57 0.18
N ARG A 183 -0.14 9.76 0.20
CA ARG A 183 0.40 9.14 -0.99
C ARG A 183 -0.15 7.72 -1.14
N LEU A 184 -0.59 7.39 -2.37
CA LEU A 184 -1.05 6.06 -2.71
C LEU A 184 -0.05 5.43 -3.68
N LEU A 185 0.22 4.13 -3.49
CA LEU A 185 1.18 3.41 -4.31
C LEU A 185 0.60 2.07 -4.77
N PHE A 186 0.81 1.75 -6.05
CA PHE A 186 0.50 0.45 -6.62
C PHE A 186 1.77 -0.17 -7.21
N PHE A 187 1.91 -1.50 -7.06
CA PHE A 187 2.93 -2.25 -7.77
C PHE A 187 2.53 -3.72 -7.87
N TRP A 188 3.06 -4.43 -8.89
CA TRP A 188 2.83 -5.86 -9.03
C TRP A 188 3.37 -6.56 -7.78
N SER A 189 2.57 -7.50 -7.24
CA SER A 189 2.87 -8.18 -5.99
C SER A 189 3.89 -9.30 -6.18
N ASP A 190 4.08 -9.75 -7.43
CA ASP A 190 4.89 -10.93 -7.68
C ASP A 190 6.37 -10.56 -7.73
N ARG A 191 7.19 -11.48 -8.27
CA ARG A 191 8.64 -11.40 -8.21
C ARG A 191 9.18 -10.25 -9.06
N ARG A 192 8.30 -9.62 -9.85
CA ARG A 192 8.68 -8.46 -10.64
C ARG A 192 9.12 -7.31 -9.74
N ASN A 193 8.66 -7.28 -8.49
CA ASN A 193 8.93 -6.14 -7.63
C ASN A 193 9.45 -6.56 -6.26
N PRO A 194 10.72 -7.03 -6.14
CA PRO A 194 11.37 -7.14 -4.83
C PRO A 194 11.51 -5.72 -4.27
N HIS A 195 11.35 -5.59 -2.95
CA HIS A 195 11.34 -4.28 -2.31
C HIS A 195 11.74 -4.39 -0.84
N GLU A 196 12.22 -3.27 -0.30
CA GLU A 196 12.69 -3.20 1.08
C GLU A 196 12.26 -1.86 1.68
N VAL A 197 12.00 -1.85 2.99
CA VAL A 197 11.81 -0.61 3.71
C VAL A 197 13.13 -0.27 4.42
N GLN A 198 13.70 0.88 4.05
CA GLN A 198 14.91 1.40 4.65
C GLN A 198 14.65 1.71 6.13
N PRO A 199 15.68 1.69 7.01
CA PRO A 199 15.48 1.98 8.43
C PRO A 199 14.72 3.28 8.68
N ALA A 200 13.76 3.22 9.59
CA ALA A 200 12.95 4.38 9.95
C ALA A 200 13.40 4.90 11.31
N TYR A 201 13.49 6.24 11.43
CA TYR A 201 13.96 6.89 12.64
C TYR A 201 12.87 7.80 13.21
N ALA A 202 11.65 7.57 12.74
CA ALA A 202 10.43 8.14 13.29
C ALA A 202 9.30 7.13 13.09
N THR A 203 8.21 7.29 13.85
CA THR A 203 7.06 6.41 13.71
C THR A 203 6.54 6.49 12.29
N ARG A 204 6.45 5.33 11.63
CA ARG A 204 6.10 5.24 10.22
C ARG A 204 4.87 4.34 10.06
N TYR A 205 3.79 4.90 9.50
CA TYR A 205 2.56 4.17 9.29
C TYR A 205 2.29 4.00 7.79
N ALA A 206 1.70 2.85 7.45
CA ALA A 206 1.23 2.55 6.11
C ALA A 206 0.02 1.63 6.21
N ILE A 207 -0.82 1.67 5.17
CA ILE A 207 -1.99 0.79 5.07
C ILE A 207 -1.95 0.12 3.70
N THR A 208 -1.96 -1.23 3.71
CA THR A 208 -1.80 -2.01 2.48
C THR A 208 -2.99 -2.95 2.29
N VAL A 209 -3.49 -3.02 1.05
CA VAL A 209 -4.35 -4.10 0.61
C VAL A 209 -3.72 -4.78 -0.60
N TRP A 210 -4.05 -6.06 -0.77
CA TRP A 210 -3.63 -6.79 -1.96
C TRP A 210 -4.87 -7.24 -2.73
N TYR A 211 -4.85 -6.99 -4.04
CA TYR A 211 -5.94 -7.40 -4.93
C TYR A 211 -5.62 -8.77 -5.53
N PHE A 212 -6.66 -9.60 -5.66
CA PHE A 212 -6.53 -10.96 -6.15
C PHE A 212 -6.83 -11.00 -7.64
N ASP A 213 -6.08 -11.84 -8.35
CA ASP A 213 -6.46 -12.30 -9.68
C ASP A 213 -7.33 -13.54 -9.51
N ALA A 214 -8.53 -13.50 -10.08
CA ALA A 214 -9.53 -14.56 -9.94
C ALA A 214 -8.91 -15.92 -10.29
N ASP A 215 -8.20 -15.98 -11.42
CA ASP A 215 -7.66 -17.20 -11.96
C ASP A 215 -6.61 -17.80 -11.01
N GLU A 216 -5.63 -16.98 -10.62
CA GLU A 216 -4.51 -17.41 -9.80
C GLU A 216 -5.01 -17.79 -8.40
N ARG A 217 -5.93 -16.97 -7.87
CA ARG A 217 -6.56 -17.18 -6.58
C ARG A 217 -7.24 -18.55 -6.54
N ALA A 218 -7.97 -18.87 -7.63
CA ALA A 218 -8.72 -20.12 -7.72
C ALA A 218 -7.76 -21.32 -7.77
N ARG A 219 -6.63 -21.15 -8.45
CA ARG A 219 -5.65 -22.20 -8.63
C ARG A 219 -4.81 -22.36 -7.36
N ALA A 220 -4.76 -21.30 -6.55
CA ALA A 220 -4.03 -21.31 -5.30
C ALA A 220 -4.77 -22.15 -4.27
N LYS A 221 -6.11 -22.08 -4.30
CA LYS A 221 -6.95 -22.77 -3.33
C LYS A 221 -7.06 -24.25 -3.67
N VAL A 222 -7.22 -24.56 -4.96
CA VAL A 222 -7.36 -25.93 -5.42
C VAL A 222 -6.06 -26.68 -5.19
N LYS A 223 -4.97 -26.20 -5.81
CA LYS A 223 -3.67 -26.83 -5.70
C LYS A 223 -2.83 -26.05 -4.68
#